data_7SA0
#
_entry.id   7SA0
#
_cell.length_a   54.034
_cell.length_b   72.156
_cell.length_c   72.517
_cell.angle_alpha   90.000
_cell.angle_beta   90.000
_cell.angle_gamma   90.000
#
_symmetry.space_group_name_H-M   'P 21 21 21'
#
loop_
_entity.id
_entity.type
_entity.pdbx_description
1 polymer 'Cyclin-dependent kinase 2'
2 non-polymer 1,2-ETHANEDIOL
3 non-polymer '2-{[(3R)-2,3,4,9-tetrahydro-1H-carbazol-3-yl]amino}-5-(trifluoromethyl)benzoic acid'
4 water water
#
_entity_poly.entity_id   1
_entity_poly.type   'polypeptide(L)'
_entity_poly.pdbx_seq_one_letter_code
;MENFQKVEKIGEGTYGVVYKARNKLTGEVVALKKIRLDTETEGVPSTAIREISLLKELNHPNIVKLLDVIHTENKLYLVF
EFLHQDLKKFMDASALTGIPLPLIKSYLFQLLQGLAFCHSHRVLHRDLKPQNLLINTEGAIKLADFGLARAFGVPVRTYT
HEVVTLWYRAPEILLGCKYYSTAVDIWSLGCIFAEMVTRRALFPGDSEIDQLFRIFRTLGTPDEVVWPGVTSMPDYKPSF
PKWARQDFSKVVPPLDEDGRSLLSQMLHYDPNKRISAKAALAHPFFQDVTKPVPHLRL
;
_entity_poly.pdbx_strand_id   A
#
loop_
_chem_comp.id
_chem_comp.type
_chem_comp.name
_chem_comp.formula
8KQ non-polymer '2-{[(3R)-2,3,4,9-tetrahydro-1H-carbazol-3-yl]amino}-5-(trifluoromethyl)benzoic acid' 'C20 H17 F3 N2 O2'
EDO non-polymer 1,2-ETHANEDIOL 'C2 H6 O2'
#
# COMPACT_ATOMS: atom_id res chain seq x y z
N MET A 1 24.34 -5.94 -12.73
CA MET A 1 25.79 -6.02 -12.86
C MET A 1 26.27 -7.47 -13.09
N GLU A 2 27.52 -7.60 -13.52
CA GLU A 2 28.13 -8.92 -13.64
C GLU A 2 28.24 -9.62 -12.28
N ASN A 3 27.95 -8.92 -11.18
CA ASN A 3 27.91 -9.52 -9.85
C ASN A 3 26.77 -10.52 -9.68
N PHE A 4 25.79 -10.51 -10.57
CA PHE A 4 24.60 -11.34 -10.43
C PHE A 4 24.37 -12.21 -11.65
N GLN A 5 23.94 -13.44 -11.40
CA GLN A 5 23.63 -14.40 -12.44
C GLN A 5 22.12 -14.55 -12.56
N LYS A 6 21.70 -15.51 -13.40
CA LYS A 6 20.30 -15.85 -13.60
C LYS A 6 19.36 -14.66 -13.44
N VAL A 7 19.73 -13.54 -14.06
CA VAL A 7 18.93 -12.32 -13.96
C VAL A 7 17.66 -12.49 -14.78
N GLU A 8 16.50 -12.42 -14.11
CA GLU A 8 15.20 -12.66 -14.72
C GLU A 8 14.25 -11.54 -14.31
N LYS A 9 13.75 -10.80 -15.28
CA LYS A 9 12.81 -9.71 -15.00
C LYS A 9 11.52 -10.25 -14.39
N ILE A 10 11.04 -9.57 -13.34
CA ILE A 10 9.86 -10.04 -12.62
C ILE A 10 8.84 -8.93 -12.38
N GLY A 11 9.04 -7.76 -12.99
CA GLY A 11 8.09 -6.67 -12.84
C GLY A 11 8.67 -5.31 -13.13
N TYR A 15 9.57 3.14 -10.27
CA TYR A 15 10.82 3.85 -10.54
C TYR A 15 11.75 3.07 -11.46
N GLY A 16 11.50 1.77 -11.60
CA GLY A 16 12.40 0.98 -12.43
C GLY A 16 12.02 -0.50 -12.46
N VAL A 17 12.80 -1.23 -13.22
CA VAL A 17 12.60 -2.65 -13.43
C VAL A 17 13.07 -3.42 -12.20
N VAL A 18 12.42 -4.57 -11.96
CA VAL A 18 12.78 -5.44 -10.86
C VAL A 18 13.11 -6.82 -11.43
N TYR A 19 14.24 -7.37 -11.02
CA TYR A 19 14.68 -8.66 -11.48
C TYR A 19 14.85 -9.62 -10.31
N LYS A 20 14.58 -10.89 -10.57
CA LYS A 20 15.00 -11.96 -9.69
C LYS A 20 16.43 -12.28 -10.10
N ALA A 21 17.36 -12.29 -9.14
CA ALA A 21 18.77 -12.49 -9.48
C ALA A 21 19.42 -13.40 -8.46
N ARG A 22 20.51 -14.06 -8.86
CA ARG A 22 21.31 -14.84 -7.94
C ARG A 22 22.67 -14.18 -7.78
N ASN A 23 23.08 -13.93 -6.53
CA ASN A 23 24.41 -13.41 -6.27
C ASN A 23 25.44 -14.44 -6.70
N LYS A 24 26.39 -14.03 -7.55
CA LYS A 24 27.34 -14.99 -8.10
C LYS A 24 28.21 -15.60 -7.01
N LEU A 25 28.65 -14.79 -6.05
CA LEU A 25 29.49 -15.32 -4.97
C LEU A 25 28.70 -16.25 -4.06
N THR A 26 27.61 -15.74 -3.46
CA THR A 26 26.98 -16.41 -2.33
C THR A 26 25.87 -17.40 -2.74
N GLY A 27 25.38 -17.33 -3.96
CA GLY A 27 24.24 -18.15 -4.36
C GLY A 27 22.93 -17.66 -3.81
N GLU A 28 22.93 -16.56 -3.06
CA GLU A 28 21.70 -15.97 -2.53
C GLU A 28 20.81 -15.48 -3.66
N VAL A 29 19.51 -15.82 -3.59
CA VAL A 29 18.52 -15.33 -4.54
C VAL A 29 17.90 -14.08 -3.95
N VAL A 30 17.85 -13.02 -4.75
CA VAL A 30 17.43 -11.69 -4.31
C VAL A 30 16.53 -11.04 -5.36
N ALA A 31 15.92 -9.92 -4.97
CA ALA A 31 15.22 -9.06 -5.90
C ALA A 31 16.04 -7.80 -6.08
N LEU A 32 16.33 -7.49 -7.34
CA LEU A 32 17.18 -6.36 -7.71
C LEU A 32 16.34 -5.33 -8.44
N LYS A 33 16.21 -4.16 -7.86
CA LYS A 33 15.53 -3.03 -8.49
C LYS A 33 16.58 -2.11 -9.11
N LYS A 34 16.45 -1.86 -10.41
CA LYS A 34 17.32 -0.92 -11.13
C LYS A 34 16.56 0.38 -11.34
N ILE A 35 17.05 1.47 -10.77
CA ILE A 35 16.38 2.77 -10.86
C ILE A 35 17.13 3.66 -11.83
N ARG A 36 16.39 4.23 -12.78
CA ARG A 36 16.92 5.15 -13.79
C ARG A 36 18.09 4.52 -14.54
N PRO A 45 21.64 13.87 -3.13
CA PRO A 45 21.74 12.42 -2.97
C PRO A 45 22.68 11.91 -1.87
N SER A 46 23.61 12.70 -1.32
CA SER A 46 24.26 12.27 -0.09
C SER A 46 23.23 12.04 1.01
N THR A 47 22.33 13.00 1.19
CA THR A 47 21.19 12.77 2.08
C THR A 47 20.41 11.54 1.64
N ALA A 48 20.19 11.39 0.34
CA ALA A 48 19.43 10.26 -0.17
C ALA A 48 20.12 8.94 0.18
N ILE A 49 21.40 8.81 -0.18
CA ILE A 49 22.12 7.58 0.11
C ILE A 49 22.11 7.29 1.60
N ARG A 50 22.32 8.33 2.44
CA ARG A 50 22.38 8.09 3.87
C ARG A 50 21.00 7.75 4.43
N GLU A 51 19.94 8.41 3.95
CA GLU A 51 18.59 8.11 4.41
C GLU A 51 18.19 6.69 4.02
N ILE A 52 18.38 6.32 2.76
CA ILE A 52 18.09 4.96 2.33
C ILE A 52 18.90 3.97 3.15
N SER A 53 20.20 4.23 3.31
CA SER A 53 21.06 3.26 3.97
C SER A 53 20.67 3.06 5.43
N LEU A 54 20.10 4.10 6.06
CA LEU A 54 19.56 3.93 7.40
C LEU A 54 18.56 2.79 7.47
N LEU A 55 17.83 2.56 6.38
CA LEU A 55 16.77 1.56 6.35
C LEU A 55 17.32 0.14 6.34
N LYS A 56 18.58 -0.05 5.90
CA LYS A 56 19.16 -1.39 5.97
C LYS A 56 19.18 -1.91 7.40
N GLU A 57 19.30 -1.01 8.38
CA GLU A 57 19.46 -1.41 9.77
C GLU A 57 18.15 -1.45 10.53
N LEU A 58 17.05 -1.01 9.92
CA LEU A 58 15.74 -1.14 10.52
C LEU A 58 15.14 -2.48 10.12
N ASN A 59 14.36 -3.06 11.03
CA ASN A 59 13.92 -4.43 10.86
C ASN A 59 12.53 -4.62 11.42
N HIS A 60 11.63 -5.14 10.59
CA HIS A 60 10.31 -5.47 11.06
C HIS A 60 9.80 -6.64 10.24
N PRO A 61 9.10 -7.61 10.86
CA PRO A 61 8.65 -8.78 10.11
C PRO A 61 7.75 -8.50 8.93
N ASN A 62 7.10 -7.33 8.90
CA ASN A 62 6.15 -7.01 7.85
C ASN A 62 6.65 -5.92 6.91
N ILE A 63 7.97 -5.78 6.80
CA ILE A 63 8.59 -4.91 5.82
C ILE A 63 9.70 -5.70 5.12
N VAL A 64 9.75 -5.63 3.78
CA VAL A 64 10.79 -6.33 3.04
C VAL A 64 12.15 -5.83 3.53
N LYS A 65 13.11 -6.75 3.60
CA LYS A 65 14.46 -6.41 4.03
C LYS A 65 15.23 -5.80 2.86
N LEU A 66 15.85 -4.65 3.11
CA LEU A 66 16.70 -3.95 2.16
C LEU A 66 18.13 -4.39 2.47
N LEU A 67 18.78 -5.01 1.51
CA LEU A 67 20.08 -5.64 1.70
C LEU A 67 21.24 -4.77 1.25
N ASP A 68 21.09 -3.98 0.19
CA ASP A 68 22.19 -3.20 -0.35
C ASP A 68 21.64 -1.99 -1.11
N VAL A 69 22.43 -0.92 -1.12
CA VAL A 69 22.14 0.28 -1.90
C VAL A 69 23.41 0.61 -2.69
N ILE A 70 23.26 0.84 -3.99
CA ILE A 70 24.40 1.00 -4.91
C ILE A 70 24.11 2.11 -5.90
N HIS A 71 24.88 3.19 -5.84
CA HIS A 71 24.79 4.30 -6.78
C HIS A 71 26.00 4.22 -7.71
N THR A 72 25.77 3.84 -8.96
CA THR A 72 26.86 3.74 -9.91
C THR A 72 26.29 3.94 -11.30
N GLU A 73 27.14 4.43 -12.20
CA GLU A 73 26.66 4.88 -13.50
C GLU A 73 25.57 5.91 -13.24
N ASN A 74 24.59 6.01 -14.14
CA ASN A 74 23.41 6.82 -13.88
C ASN A 74 22.32 6.00 -13.20
N LYS A 75 22.67 5.18 -12.21
CA LYS A 75 21.77 4.15 -11.70
C LYS A 75 21.81 4.06 -10.19
N LEU A 76 20.65 3.72 -9.61
CA LEU A 76 20.57 3.31 -8.21
C LEU A 76 20.03 1.89 -8.18
N TYR A 77 20.79 0.96 -7.64
CA TYR A 77 20.33 -0.41 -7.44
C TYR A 77 19.94 -0.57 -5.98
N LEU A 78 18.77 -1.16 -5.76
CA LEU A 78 18.33 -1.59 -4.45
C LEU A 78 18.21 -3.11 -4.49
N VAL A 79 18.87 -3.79 -3.56
CA VAL A 79 18.83 -5.24 -3.49
C VAL A 79 17.96 -5.61 -2.30
N PHE A 80 16.89 -6.37 -2.55
CA PHE A 80 15.93 -6.73 -1.53
C PHE A 80 15.92 -8.23 -1.33
N GLU A 81 15.49 -8.67 -0.15
CA GLU A 81 15.21 -10.10 -0.01
C GLU A 81 14.13 -10.49 -1.00
N PHE A 82 14.16 -11.75 -1.41
CA PHE A 82 13.28 -12.24 -2.45
C PHE A 82 12.12 -13.02 -1.82
N LEU A 83 10.91 -12.65 -2.18
CA LEU A 83 9.73 -13.44 -1.86
C LEU A 83 9.03 -13.79 -3.16
N HIS A 84 8.39 -14.96 -3.18
CA HIS A 84 7.97 -15.56 -4.42
C HIS A 84 6.67 -15.06 -5.00
N GLN A 85 5.83 -14.40 -4.21
CA GLN A 85 4.52 -14.06 -4.72
C GLN A 85 4.09 -12.77 -4.05
N ASP A 86 3.13 -12.11 -4.67
CA ASP A 86 2.53 -10.92 -4.07
C ASP A 86 1.03 -11.10 -3.88
N LEU A 87 0.43 -10.13 -3.16
CA LEU A 87 -0.97 -10.23 -2.83
C LEU A 87 -1.85 -10.14 -4.07
N LYS A 88 -1.45 -9.37 -5.08
CA LYS A 88 -2.23 -9.27 -6.31
C LYS A 88 -2.34 -10.63 -6.99
N LYS A 89 -1.22 -11.34 -7.13
CA LYS A 89 -1.28 -12.65 -7.74
C LYS A 89 -2.15 -13.59 -6.91
N PHE A 90 -1.98 -13.56 -5.59
CA PHE A 90 -2.80 -14.39 -4.72
C PHE A 90 -4.29 -14.03 -4.81
N MET A 91 -4.62 -12.72 -4.85
CA MET A 91 -6.01 -12.32 -5.03
C MET A 91 -6.59 -12.86 -6.32
N ASP A 92 -5.83 -12.76 -7.43
CA ASP A 92 -6.30 -13.28 -8.71
C ASP A 92 -6.50 -14.79 -8.63
N ALA A 93 -5.51 -15.50 -8.10
CA ALA A 93 -5.61 -16.95 -7.92
C ALA A 93 -6.81 -17.35 -7.09
N SER A 94 -7.24 -16.50 -6.17
CA SER A 94 -8.30 -16.83 -5.23
C SER A 94 -9.64 -16.26 -5.64
N ALA A 95 -9.78 -15.81 -6.89
CA ALA A 95 -10.95 -15.02 -7.25
C ALA A 95 -12.22 -15.84 -7.31
N LEU A 96 -12.14 -17.14 -7.63
CA LEU A 96 -13.36 -17.93 -7.73
C LEU A 96 -13.88 -18.38 -6.36
N THR A 97 -13.01 -18.47 -5.36
CA THR A 97 -13.44 -18.86 -4.01
C THR A 97 -13.41 -17.73 -3.00
N GLY A 98 -12.60 -16.71 -3.23
CA GLY A 98 -12.35 -15.71 -2.22
C GLY A 98 -11.32 -16.15 -1.20
N ILE A 99 -10.47 -15.22 -0.79
CA ILE A 99 -9.57 -15.44 0.35
C ILE A 99 -10.39 -15.65 1.62
N PRO A 100 -10.10 -16.67 2.43
CA PRO A 100 -10.87 -16.87 3.66
C PRO A 100 -10.73 -15.69 4.60
N LEU A 101 -11.82 -15.35 5.30
CA LEU A 101 -11.80 -14.20 6.20
C LEU A 101 -10.68 -14.24 7.23
N PRO A 102 -10.37 -15.37 7.88
CA PRO A 102 -9.22 -15.34 8.82
C PRO A 102 -7.90 -14.93 8.16
N LEU A 103 -7.71 -15.27 6.89
CA LEU A 103 -6.48 -14.90 6.19
C LEU A 103 -6.53 -13.44 5.76
N ILE A 104 -7.69 -12.95 5.29
CA ILE A 104 -7.85 -11.52 5.07
C ILE A 104 -7.47 -10.76 6.33
N LYS A 105 -8.03 -11.20 7.47
CA LYS A 105 -7.79 -10.52 8.74
C LYS A 105 -6.34 -10.57 9.14
N SER A 106 -5.67 -11.74 8.97
CA SER A 106 -4.25 -11.83 9.30
C SER A 106 -3.40 -10.90 8.44
N TYR A 107 -3.67 -10.86 7.15
CA TYR A 107 -2.93 -9.99 6.26
C TYR A 107 -3.17 -8.51 6.59
N LEU A 108 -4.42 -8.11 6.83
CA LEU A 108 -4.68 -6.72 7.23
C LEU A 108 -3.94 -6.34 8.52
N PHE A 109 -4.01 -7.22 9.52
CA PHE A 109 -3.35 -7.00 10.79
C PHE A 109 -1.85 -6.84 10.60
N GLN A 110 -1.24 -7.72 9.80
CA GLN A 110 0.20 -7.63 9.58
C GLN A 110 0.57 -6.38 8.80
N LEU A 111 -0.25 -6.01 7.80
CA LEU A 111 0.09 -4.82 7.04
C LEU A 111 -0.02 -3.58 7.93
N LEU A 112 -1.00 -3.57 8.86
CA LEU A 112 -1.09 -2.47 9.83
C LEU A 112 0.10 -2.46 10.78
N GLN A 113 0.60 -3.63 11.19
CA GLN A 113 1.81 -3.67 12.00
C GLN A 113 2.99 -3.06 11.25
N GLY A 114 3.17 -3.42 9.97
CA GLY A 114 4.22 -2.84 9.16
C GLY A 114 4.10 -1.34 8.99
N LEU A 115 2.87 -0.86 8.72
CA LEU A 115 2.66 0.58 8.61
C LEU A 115 2.89 1.29 9.95
N ALA A 116 2.40 0.71 11.06
CA ALA A 116 2.63 1.34 12.36
C ALA A 116 4.13 1.55 12.56
N PHE A 117 4.93 0.59 12.11
CA PHE A 117 6.38 0.71 12.28
C PHE A 117 6.96 1.80 11.39
N CYS A 118 6.64 1.81 10.09
N CYS A 118 6.66 1.75 10.09
CA CYS A 118 7.28 2.82 9.28
CA CYS A 118 7.10 2.80 9.19
C CYS A 118 6.72 4.21 9.58
C CYS A 118 6.73 4.15 9.76
N HIS A 119 5.45 4.31 10.02
CA HIS A 119 4.94 5.62 10.42
C HIS A 119 5.60 6.10 11.71
N SER A 120 5.96 5.19 12.61
CA SER A 120 6.65 5.58 13.83
C SER A 120 8.03 6.11 13.55
N HIS A 121 8.62 5.76 12.41
CA HIS A 121 9.86 6.34 11.96
C HIS A 121 9.66 7.50 10.98
N ARG A 122 8.44 8.07 10.97
CA ARG A 122 8.10 9.20 10.11
C ARG A 122 8.37 8.91 8.63
N VAL A 123 8.13 7.66 8.19
CA VAL A 123 8.21 7.28 6.79
C VAL A 123 6.84 6.87 6.29
N LEU A 124 6.48 7.40 5.11
CA LEU A 124 5.24 7.06 4.41
C LEU A 124 5.55 6.10 3.27
N HIS A 125 4.63 5.18 3.01
CA HIS A 125 4.80 4.33 1.84
C HIS A 125 4.44 5.08 0.56
N ARG A 126 3.25 5.71 0.56
CA ARG A 126 2.72 6.55 -0.50
C ARG A 126 2.15 5.84 -1.72
N ASP A 127 2.48 4.57 -1.93
CA ASP A 127 2.00 3.89 -3.14
C ASP A 127 1.57 2.47 -2.83
N LEU A 128 0.82 2.30 -1.73
CA LEU A 128 0.36 0.96 -1.39
C LEU A 128 -0.66 0.48 -2.40
N LYS A 129 -0.53 -0.80 -2.76
CA LYS A 129 -1.34 -1.47 -3.75
C LYS A 129 -1.12 -2.95 -3.56
N PRO A 130 -1.97 -3.81 -4.09
CA PRO A 130 -1.77 -5.26 -3.88
C PRO A 130 -0.49 -5.76 -4.54
N GLN A 131 -0.13 -5.17 -5.67
CA GLN A 131 1.11 -5.54 -6.36
C GLN A 131 2.30 -5.33 -5.43
N ASN A 132 3.21 -6.28 -5.44
CA ASN A 132 4.42 -6.24 -4.62
C ASN A 132 4.23 -6.04 -3.12
N LEU A 133 3.00 -6.17 -2.57
CA LEU A 133 2.85 -6.60 -1.20
C LEU A 133 3.18 -8.09 -1.14
N LEU A 134 4.31 -8.42 -0.51
CA LEU A 134 4.95 -9.71 -0.74
C LEU A 134 4.45 -10.73 0.28
N ILE A 135 4.20 -11.98 -0.19
CA ILE A 135 3.73 -13.03 0.71
C ILE A 135 4.63 -14.27 0.58
N ASN A 136 4.64 -15.06 1.65
CA ASN A 136 5.42 -16.30 1.68
C ASN A 136 4.57 -17.47 2.17
N THR A 137 5.16 -18.68 2.13
CA THR A 137 4.36 -19.85 2.50
C THR A 137 4.03 -19.92 3.99
N GLU A 138 4.72 -19.14 4.83
CA GLU A 138 4.58 -19.18 6.27
C GLU A 138 3.45 -18.30 6.78
N GLY A 139 2.71 -17.66 5.89
CA GLY A 139 1.61 -16.82 6.30
C GLY A 139 1.95 -15.36 6.45
N ALA A 140 3.18 -14.97 6.20
CA ALA A 140 3.57 -13.58 6.40
C ALA A 140 3.25 -12.73 5.17
N ILE A 141 3.05 -11.43 5.40
CA ILE A 141 2.96 -10.46 4.31
C ILE A 141 3.83 -9.27 4.68
N LYS A 142 4.45 -8.67 3.65
CA LYS A 142 5.45 -7.62 3.84
C LYS A 142 5.23 -6.45 2.89
N LEU A 143 5.27 -5.24 3.45
CA LEU A 143 5.34 -4.01 2.66
C LEU A 143 6.60 -3.98 1.78
N ALA A 144 6.40 -3.61 0.53
CA ALA A 144 7.48 -3.44 -0.43
C ALA A 144 7.07 -2.46 -1.50
N ASP A 145 8.04 -2.09 -2.33
CA ASP A 145 7.83 -1.18 -3.45
C ASP A 145 7.29 0.18 -2.98
N PHE A 146 8.02 0.78 -2.04
CA PHE A 146 7.69 2.08 -1.46
C PHE A 146 7.84 3.17 -2.51
N GLY A 147 7.01 4.20 -2.38
CA GLY A 147 7.11 5.34 -3.28
C GLY A 147 7.91 6.47 -2.69
N LEU A 148 9.18 6.18 -2.39
CA LEU A 148 10.02 7.04 -1.58
C LEU A 148 11.05 7.82 -2.38
N ALA A 149 11.17 7.61 -3.70
CA ALA A 149 12.22 8.28 -4.45
C ALA A 149 12.08 9.80 -4.34
N ARG A 150 10.88 10.31 -4.57
CA ARG A 150 10.66 11.76 -4.52
C ARG A 150 10.93 12.32 -3.13
N ALA A 151 10.40 11.67 -2.09
CA ALA A 151 10.60 12.15 -0.73
C ALA A 151 12.07 12.20 -0.36
N PHE A 152 12.87 11.31 -0.92
CA PHE A 152 14.31 11.41 -0.80
C PHE A 152 14.86 12.19 -2.00
N GLY A 153 16.14 12.51 -1.96
CA GLY A 153 16.71 13.27 -3.04
C GLY A 153 17.08 12.44 -4.25
N VAL A 154 16.15 11.62 -4.76
CA VAL A 154 16.45 10.68 -5.82
C VAL A 154 15.82 11.17 -7.12
N PRO A 155 16.61 11.49 -8.14
CA PRO A 155 16.05 11.91 -9.43
C PRO A 155 15.78 10.76 -10.39
N VAL A 156 14.53 10.59 -10.80
CA VAL A 156 14.14 9.50 -11.69
C VAL A 156 13.79 10.01 -13.08
N VAL A 163 1.80 2.86 -17.21
CA VAL A 163 0.61 3.62 -16.85
C VAL A 163 0.34 3.49 -15.35
N VAL A 164 -0.10 4.58 -14.74
CA VAL A 164 -0.18 4.69 -13.29
C VAL A 164 -1.54 4.19 -12.81
N THR A 165 -1.53 3.34 -11.78
CA THR A 165 -2.76 2.92 -11.12
C THR A 165 -3.10 3.93 -10.02
N LEU A 166 -4.29 4.55 -10.10
CA LEU A 166 -4.72 5.53 -9.12
C LEU A 166 -5.73 4.96 -8.13
N TRP A 167 -6.06 3.67 -8.24
CA TRP A 167 -7.20 3.09 -7.52
C TRP A 167 -7.09 3.21 -6.01
N TYR A 168 -5.87 3.28 -5.47
CA TYR A 168 -5.61 3.24 -4.03
C TYR A 168 -5.19 4.61 -3.50
N ARG A 169 -5.30 5.66 -4.32
N ARG A 169 -5.28 5.66 -4.31
CA ARG A 169 -4.83 6.99 -3.93
CA ARG A 169 -4.82 6.99 -3.93
C ARG A 169 -5.82 7.67 -2.99
C ARG A 169 -5.82 7.68 -3.00
N ALA A 170 -5.31 8.22 -1.89
CA ALA A 170 -6.14 9.00 -0.96
C ALA A 170 -6.67 10.27 -1.63
N PRO A 171 -7.84 10.72 -1.20
CA PRO A 171 -8.47 11.88 -1.85
C PRO A 171 -7.68 13.16 -1.64
N GLU A 172 -6.98 13.31 -0.51
CA GLU A 172 -6.15 14.50 -0.35
C GLU A 172 -5.01 14.56 -1.37
N ILE A 173 -4.48 13.41 -1.80
CA ILE A 173 -3.47 13.42 -2.85
C ILE A 173 -4.10 13.87 -4.17
N LEU A 174 -5.27 13.33 -4.48
CA LEU A 174 -5.94 13.68 -5.72
C LEU A 174 -6.35 15.15 -5.77
N LEU A 175 -6.62 15.75 -4.61
CA LEU A 175 -6.99 17.16 -4.52
C LEU A 175 -5.78 18.08 -4.41
N GLY A 176 -4.58 17.54 -4.60
CA GLY A 176 -3.39 18.35 -4.76
C GLY A 176 -2.74 18.80 -3.48
N CYS A 177 -3.03 18.15 -2.35
CA CYS A 177 -2.37 18.51 -1.10
C CYS A 177 -0.86 18.36 -1.25
N LYS A 178 -0.13 19.37 -0.78
CA LYS A 178 1.31 19.37 -0.91
C LYS A 178 1.97 18.53 0.17
N TYR A 179 1.36 18.43 1.34
CA TYR A 179 1.96 17.69 2.44
C TYR A 179 1.11 16.47 2.83
N TYR A 180 1.43 15.31 2.25
CA TYR A 180 0.80 14.07 2.67
C TYR A 180 1.09 13.81 4.15
N SER A 181 0.13 13.17 4.83
CA SER A 181 0.41 12.58 6.13
C SER A 181 0.38 11.06 6.02
N THR A 182 0.71 10.41 7.15
CA THR A 182 0.59 8.96 7.27
C THR A 182 -0.80 8.45 6.89
N ALA A 183 -1.84 9.28 7.01
CA ALA A 183 -3.19 8.85 6.69
C ALA A 183 -3.34 8.38 5.24
N VAL A 184 -2.48 8.81 4.31
CA VAL A 184 -2.64 8.39 2.92
C VAL A 184 -2.48 6.88 2.81
N ASP A 185 -1.65 6.29 3.70
CA ASP A 185 -1.38 4.85 3.60
C ASP A 185 -2.55 4.06 4.19
N ILE A 186 -3.22 4.62 5.20
CA ILE A 186 -4.39 3.97 5.77
C ILE A 186 -5.53 3.92 4.74
N TRP A 187 -5.72 5.00 3.99
CA TRP A 187 -6.70 5.01 2.91
C TRP A 187 -6.43 3.87 1.93
N SER A 188 -5.19 3.80 1.44
CA SER A 188 -4.83 2.77 0.47
C SER A 188 -5.11 1.38 1.03
N LEU A 189 -4.74 1.16 2.30
CA LEU A 189 -4.95 -0.15 2.90
C LEU A 189 -6.43 -0.44 3.06
N GLY A 190 -7.24 0.57 3.37
CA GLY A 190 -8.68 0.38 3.38
C GLY A 190 -9.21 -0.10 2.03
N CYS A 191 -8.73 0.49 0.94
CA CYS A 191 -9.15 0.07 -0.38
C CYS A 191 -8.74 -1.38 -0.65
N ILE A 192 -7.55 -1.76 -0.17
CA ILE A 192 -7.08 -3.12 -0.38
C ILE A 192 -7.93 -4.10 0.41
N PHE A 193 -8.24 -3.77 1.66
CA PHE A 193 -9.12 -4.55 2.53
C PHE A 193 -10.44 -4.81 1.84
N ALA A 194 -11.07 -3.75 1.34
CA ALA A 194 -12.36 -3.91 0.66
C ALA A 194 -12.26 -4.84 -0.54
N GLU A 195 -11.17 -4.73 -1.31
CA GLU A 195 -10.96 -5.56 -2.48
C GLU A 195 -10.68 -7.02 -2.11
N MET A 196 -10.00 -7.28 -0.99
CA MET A 196 -9.85 -8.67 -0.55
C MET A 196 -11.21 -9.29 -0.22
N VAL A 197 -12.10 -8.50 0.38
CA VAL A 197 -13.41 -9.01 0.80
C VAL A 197 -14.32 -9.25 -0.39
N THR A 198 -14.44 -8.28 -1.27
CA THR A 198 -15.43 -8.38 -2.35
C THR A 198 -14.93 -9.00 -3.62
N ARG A 199 -13.61 -9.09 -3.81
CA ARG A 199 -12.97 -9.55 -5.03
C ARG A 199 -13.21 -8.61 -6.21
N ARG A 200 -13.46 -7.33 -5.91
CA ARG A 200 -13.49 -6.29 -6.93
C ARG A 200 -12.83 -5.05 -6.36
N ALA A 201 -12.11 -4.34 -7.22
CA ALA A 201 -11.55 -3.05 -6.82
C ALA A 201 -12.65 -2.12 -6.33
N LEU A 202 -12.35 -1.42 -5.23
CA LEU A 202 -13.33 -0.52 -4.63
C LEU A 202 -13.59 0.72 -5.48
N PHE A 203 -12.53 1.38 -5.93
CA PHE A 203 -12.58 2.64 -6.67
C PHE A 203 -11.69 2.55 -7.92
N PRO A 204 -12.18 1.89 -8.97
CA PRO A 204 -11.29 1.68 -10.12
C PRO A 204 -11.32 2.81 -11.15
N GLY A 205 -10.74 3.96 -10.79
CA GLY A 205 -10.75 5.10 -11.67
C GLY A 205 -9.74 4.98 -12.80
N ASP A 206 -10.04 5.67 -13.90
CA ASP A 206 -9.21 5.68 -15.10
C ASP A 206 -8.48 7.00 -15.34
N SER A 207 -8.75 8.01 -14.52
CA SER A 207 -8.05 9.29 -14.57
C SER A 207 -8.13 9.84 -13.15
N GLU A 208 -7.40 10.94 -12.91
CA GLU A 208 -7.44 11.54 -11.57
C GLU A 208 -8.84 12.01 -11.22
N ILE A 209 -9.54 12.66 -12.16
CA ILE A 209 -10.89 13.13 -11.81
C ILE A 209 -11.88 11.98 -11.76
N ASP A 210 -11.67 10.93 -12.59
CA ASP A 210 -12.60 9.81 -12.50
C ASP A 210 -12.38 9.05 -11.20
N GLN A 211 -11.11 8.96 -10.78
CA GLN A 211 -10.82 8.40 -9.47
C GLN A 211 -11.52 9.19 -8.37
N LEU A 212 -11.35 10.51 -8.39
CA LEU A 212 -12.01 11.35 -7.37
C LEU A 212 -13.53 11.18 -7.40
N PHE A 213 -14.11 11.22 -8.59
CA PHE A 213 -15.56 11.14 -8.66
C PHE A 213 -16.07 9.75 -8.31
N ARG A 214 -15.30 8.69 -8.55
CA ARG A 214 -15.73 7.38 -8.06
C ARG A 214 -15.79 7.36 -6.54
N ILE A 215 -14.78 7.94 -5.89
CA ILE A 215 -14.82 8.05 -4.42
C ILE A 215 -16.05 8.84 -3.99
N PHE A 216 -16.28 9.99 -4.63
CA PHE A 216 -17.39 10.84 -4.24
C PHE A 216 -18.73 10.14 -4.40
N ARG A 217 -18.88 9.35 -5.48
CA ARG A 217 -20.19 8.74 -5.72
C ARG A 217 -20.52 7.69 -4.68
N THR A 218 -19.49 7.04 -4.10
CA THR A 218 -19.72 6.06 -3.05
C THR A 218 -19.80 6.72 -1.68
N LEU A 219 -18.86 7.61 -1.34
CA LEU A 219 -18.74 8.11 0.03
C LEU A 219 -19.41 9.48 0.19
N GLY A 220 -19.97 10.02 -0.88
CA GLY A 220 -20.58 11.35 -0.95
C GLY A 220 -19.50 12.39 -1.26
N THR A 221 -19.94 13.44 -1.98
CA THR A 221 -19.03 14.56 -2.25
C THR A 221 -18.67 15.22 -0.93
N PRO A 222 -17.40 15.34 -0.59
CA PRO A 222 -17.05 15.90 0.71
C PRO A 222 -17.36 17.39 0.77
N ASP A 223 -17.67 17.87 1.96
CA ASP A 223 -17.92 19.29 2.20
C ASP A 223 -17.21 19.68 3.49
N GLU A 224 -17.39 20.94 3.90
CA GLU A 224 -16.71 21.44 5.08
C GLU A 224 -17.23 20.79 6.38
N VAL A 225 -18.41 20.20 6.35
CA VAL A 225 -18.94 19.51 7.53
C VAL A 225 -18.10 18.29 7.84
N VAL A 226 -17.91 17.43 6.85
CA VAL A 226 -17.15 16.20 7.07
C VAL A 226 -15.64 16.36 6.89
N TRP A 227 -15.19 17.35 6.16
CA TRP A 227 -13.76 17.53 5.88
C TRP A 227 -13.44 19.01 5.95
N PRO A 228 -13.24 19.55 7.16
CA PRO A 228 -12.86 20.97 7.28
C PRO A 228 -11.63 21.26 6.45
N GLY A 229 -11.74 22.28 5.59
CA GLY A 229 -10.69 22.66 4.72
C GLY A 229 -10.73 22.07 3.33
N VAL A 230 -11.69 21.20 3.03
CA VAL A 230 -11.65 20.56 1.71
C VAL A 230 -11.82 21.60 0.61
N THR A 231 -12.63 22.62 0.86
CA THR A 231 -12.87 23.57 -0.22
C THR A 231 -11.70 24.51 -0.47
N SER A 232 -10.65 24.46 0.36
CA SER A 232 -9.43 25.22 0.09
C SER A 232 -8.29 24.38 -0.48
N MET A 233 -8.54 23.10 -0.78
CA MET A 233 -7.50 22.27 -1.36
C MET A 233 -7.14 22.78 -2.76
N PRO A 234 -5.90 22.57 -3.19
CA PRO A 234 -5.46 23.20 -4.44
C PRO A 234 -6.30 22.85 -5.65
N ASP A 235 -6.73 21.60 -5.78
CA ASP A 235 -7.47 21.18 -6.95
C ASP A 235 -8.94 21.01 -6.67
N TYR A 236 -9.43 21.52 -5.53
CA TYR A 236 -10.85 21.47 -5.28
C TYR A 236 -11.54 22.49 -6.19
N LYS A 237 -12.70 22.11 -6.74
CA LYS A 237 -13.49 22.99 -7.60
C LYS A 237 -14.88 23.07 -7.01
N PRO A 238 -15.43 24.26 -6.82
CA PRO A 238 -16.83 24.35 -6.38
C PRO A 238 -17.80 23.71 -7.36
N SER A 239 -17.38 23.54 -8.61
CA SER A 239 -18.21 22.93 -9.64
C SER A 239 -18.26 21.40 -9.56
N PHE A 240 -17.58 20.79 -8.60
CA PHE A 240 -17.68 19.34 -8.45
C PHE A 240 -19.15 18.99 -8.25
N PRO A 241 -19.65 17.93 -8.89
CA PRO A 241 -21.02 17.50 -8.59
C PRO A 241 -21.15 17.10 -7.13
N LYS A 242 -22.36 17.29 -6.58
CA LYS A 242 -22.69 16.91 -5.20
C LYS A 242 -23.46 15.59 -5.23
N TRP A 243 -22.75 14.50 -4.95
CA TRP A 243 -23.35 13.19 -4.81
C TRP A 243 -23.62 12.93 -3.33
N ALA A 244 -24.77 12.30 -3.05
CA ALA A 244 -25.06 11.91 -1.68
C ALA A 244 -24.34 10.62 -1.33
N ARG A 245 -23.90 10.52 -0.09
CA ARG A 245 -23.28 9.29 0.38
C ARG A 245 -24.24 8.12 0.26
N GLN A 246 -23.73 7.02 -0.29
CA GLN A 246 -24.51 5.81 -0.44
C GLN A 246 -24.54 5.00 0.85
N ASP A 247 -25.58 4.16 0.95
CA ASP A 247 -25.69 3.08 1.90
C ASP A 247 -24.36 2.36 2.07
N PHE A 248 -23.74 2.44 3.25
CA PHE A 248 -22.45 1.76 3.37
C PHE A 248 -22.57 0.25 3.31
N SER A 249 -23.77 -0.32 3.50
CA SER A 249 -23.87 -1.78 3.49
C SER A 249 -23.78 -2.37 2.08
N LYS A 250 -23.84 -1.54 1.03
CA LYS A 250 -23.64 -1.94 -0.34
C LYS A 250 -22.17 -2.13 -0.64
N VAL A 251 -21.29 -1.57 0.20
CA VAL A 251 -19.89 -1.37 -0.17
C VAL A 251 -19.10 -2.67 -0.06
N VAL A 252 -19.13 -3.34 1.11
CA VAL A 252 -18.35 -4.56 1.27
C VAL A 252 -19.17 -5.74 1.79
N PRO A 253 -20.37 -5.99 1.25
CA PRO A 253 -21.11 -7.18 1.69
C PRO A 253 -20.33 -8.42 1.36
N PRO A 254 -20.37 -9.45 2.21
CA PRO A 254 -21.14 -9.60 3.45
C PRO A 254 -20.30 -9.42 4.72
N LEU A 255 -19.25 -8.59 4.64
CA LEU A 255 -18.43 -8.31 5.80
C LEU A 255 -19.28 -7.86 6.99
N ASP A 256 -18.90 -8.34 8.18
CA ASP A 256 -19.64 -8.11 9.41
C ASP A 256 -19.43 -6.68 9.90
N GLU A 257 -20.20 -6.31 10.93
CA GLU A 257 -20.16 -4.92 11.39
C GLU A 257 -18.84 -4.53 12.01
N ASP A 258 -18.06 -5.48 12.57
CA ASP A 258 -16.72 -5.11 13.03
C ASP A 258 -15.84 -4.68 11.86
N GLY A 259 -15.87 -5.48 10.78
CA GLY A 259 -15.10 -5.15 9.61
C GLY A 259 -15.56 -3.89 8.92
N ARG A 260 -16.88 -3.70 8.80
CA ARG A 260 -17.40 -2.50 8.17
C ARG A 260 -17.07 -1.27 9.00
N SER A 261 -17.16 -1.37 10.34
CA SER A 261 -16.78 -0.25 11.19
C SER A 261 -15.31 0.15 10.98
N LEU A 262 -14.40 -0.83 11.01
CA LEU A 262 -12.98 -0.52 10.78
C LEU A 262 -12.78 0.13 9.42
N LEU A 263 -13.41 -0.43 8.38
CA LEU A 263 -13.22 0.10 7.04
C LEU A 263 -13.68 1.55 6.98
N SER A 264 -14.84 1.85 7.57
CA SER A 264 -15.32 3.22 7.51
C SER A 264 -14.33 4.18 8.15
N GLN A 265 -13.65 3.75 9.22
CA GLN A 265 -12.66 4.62 9.85
C GLN A 265 -11.40 4.79 9.02
N MET A 266 -11.06 3.78 8.20
CA MET A 266 -9.92 3.88 7.32
C MET A 266 -10.20 4.74 6.10
N LEU A 267 -11.49 4.96 5.77
CA LEU A 267 -11.90 5.71 4.60
C LEU A 267 -12.57 7.05 4.97
N HIS A 268 -12.33 7.55 6.18
CA HIS A 268 -12.74 8.91 6.51
C HIS A 268 -12.07 9.91 5.58
N TYR A 269 -12.86 10.90 5.11
CA TYR A 269 -12.28 11.90 4.23
C TYR A 269 -11.21 12.71 4.91
N ASP A 270 -11.49 13.22 6.11
CA ASP A 270 -10.57 14.09 6.83
C ASP A 270 -9.37 13.31 7.35
N PRO A 271 -8.17 13.59 6.85
CA PRO A 271 -6.99 12.84 7.34
C PRO A 271 -6.84 12.93 8.83
N ASN A 272 -7.31 14.03 9.43
CA ASN A 272 -7.26 14.12 10.89
C ASN A 272 -8.23 13.20 11.60
N LYS A 273 -9.27 12.74 10.93
CA LYS A 273 -10.24 11.82 11.54
C LYS A 273 -9.90 10.38 11.18
N ARG A 274 -9.20 10.18 10.09
CA ARG A 274 -8.93 8.81 9.63
C ARG A 274 -8.08 8.09 10.68
N ILE A 275 -8.43 6.81 10.91
CA ILE A 275 -7.81 6.04 11.97
C ILE A 275 -6.33 5.83 11.69
N SER A 276 -5.51 5.82 12.75
CA SER A 276 -4.10 5.51 12.61
C SER A 276 -3.87 4.00 12.55
N ALA A 277 -2.67 3.63 12.12
CA ALA A 277 -2.35 2.19 12.10
C ALA A 277 -2.37 1.61 13.50
N LYS A 278 -1.74 2.32 14.45
CA LYS A 278 -1.72 1.87 15.84
C LYS A 278 -3.13 1.68 16.41
N ALA A 279 -4.02 2.65 16.18
CA ALA A 279 -5.38 2.52 16.69
C ALA A 279 -6.18 1.44 15.97
N ALA A 280 -5.93 1.27 14.67
CA ALA A 280 -6.61 0.23 13.91
C ALA A 280 -6.29 -1.14 14.47
N LEU A 281 -5.07 -1.33 14.95
CA LEU A 281 -4.67 -2.61 15.51
C LEU A 281 -5.48 -2.98 16.74
N ALA A 282 -6.04 -1.98 17.42
CA ALA A 282 -6.81 -2.18 18.64
C ALA A 282 -8.29 -2.37 18.37
N HIS A 283 -8.70 -2.24 17.12
CA HIS A 283 -10.12 -2.33 16.78
C HIS A 283 -10.66 -3.73 17.06
N PRO A 284 -11.93 -3.85 17.51
CA PRO A 284 -12.51 -5.16 17.83
C PRO A 284 -12.45 -6.19 16.72
N PHE A 285 -12.32 -5.73 15.47
CA PHE A 285 -12.21 -6.66 14.34
C PHE A 285 -11.05 -7.64 14.53
N PHE A 286 -9.99 -7.24 15.24
CA PHE A 286 -8.80 -8.07 15.37
C PHE A 286 -8.80 -8.90 16.66
N GLN A 287 -9.89 -8.92 17.43
CA GLN A 287 -9.86 -9.65 18.69
C GLN A 287 -9.54 -11.13 18.48
N ASP A 288 -10.05 -11.70 17.40
CA ASP A 288 -9.91 -13.14 17.15
C ASP A 288 -8.89 -13.41 16.05
N VAL A 289 -7.95 -12.49 15.80
CA VAL A 289 -7.02 -12.67 14.71
C VAL A 289 -6.11 -13.87 14.98
N THR A 290 -5.74 -14.53 13.89
CA THR A 290 -4.85 -15.67 13.87
C THR A 290 -3.90 -15.50 12.69
N LYS A 291 -3.02 -16.49 12.49
CA LYS A 291 -2.06 -16.46 11.38
C LYS A 291 -2.18 -17.77 10.59
N PRO A 292 -3.18 -17.85 9.70
CA PRO A 292 -3.32 -19.04 8.86
C PRO A 292 -2.22 -19.10 7.80
N VAL A 293 -2.09 -20.29 7.21
CA VAL A 293 -1.15 -20.60 6.13
C VAL A 293 -1.90 -20.53 4.81
N PRO A 294 -1.46 -19.73 3.84
CA PRO A 294 -2.14 -19.68 2.53
C PRO A 294 -1.75 -20.89 1.70
N HIS A 295 -2.61 -21.20 0.73
CA HIS A 295 -2.29 -22.22 -0.27
C HIS A 295 -1.66 -21.50 -1.46
N LEU A 296 -0.33 -21.61 -1.58
CA LEU A 296 0.41 -20.95 -2.63
C LEU A 296 0.90 -21.96 -3.65
N ARG A 297 0.68 -21.63 -4.93
CA ARG A 297 1.30 -22.35 -6.03
C ARG A 297 2.41 -21.46 -6.59
N LEU A 298 3.64 -21.96 -6.56
CA LEU A 298 4.79 -21.23 -7.05
C LEU A 298 5.32 -21.86 -8.33
C1 EDO B . 18.72 -16.67 -0.04
O1 EDO B . 18.13 -16.58 -1.34
C2 EDO B . 18.27 -15.49 0.83
O2 EDO B . 19.04 -15.47 2.04
H11 EDO B . 19.81 -16.66 -0.12
H12 EDO B . 18.42 -17.60 0.44
HO1 EDO B . 18.38 -17.35 -1.86
H21 EDO B . 18.43 -14.55 0.29
H22 EDO B . 17.22 -15.57 1.05
HO2 EDO B . 18.70 -14.78 2.62
C1 EDO C . 3.65 -0.90 -4.71
O1 EDO C . 3.87 -2.07 -5.54
C2 EDO C . 3.37 -1.33 -3.26
O2 EDO C . 3.10 -2.70 -3.20
H11 EDO C . 2.79 -0.34 -5.09
H12 EDO C . 4.52 -0.25 -4.75
HO1 EDO C . 4.17 -1.79 -6.41
H21 EDO C . 2.52 -0.77 -2.86
H22 EDO C . 4.24 -1.11 -2.63
HO2 EDO C . 3.12 -3.00 -2.29
C1 EDO D . 12.75 -3.96 7.45
O1 EDO D . 13.27 -3.40 6.25
C2 EDO D . 12.92 -5.46 7.45
O2 EDO D . 12.14 -6.13 8.41
H11 EDO D . 11.70 -3.70 7.56
H12 EDO D . 13.28 -3.53 8.32
HO1 EDO D . 12.55 -2.96 5.76
H21 EDO D . 12.66 -5.84 6.46
H22 EDO D . 13.98 -5.68 7.64
HO2 EDO D . 12.40 -7.06 8.45
C1 EDO E . -16.70 -21.56 -4.25
O1 EDO E . -17.23 -20.37 -3.67
C2 EDO E . -15.95 -22.34 -3.17
O2 EDO E . -15.51 -23.59 -3.72
H11 EDO E . -16.01 -21.30 -5.06
H12 EDO E . -17.49 -22.17 -4.67
HO1 EDO E . -17.72 -19.87 -4.35
H21 EDO E . -16.61 -22.52 -2.32
H22 EDO E . -15.10 -21.77 -2.82
HO2 EDO E . -15.19 -24.17 -3.01
C10 8KQ F . 7.46 -12.48 -8.00
C13 8KQ F . 8.32 -15.28 -10.43
C15 8KQ F . 5.99 -14.62 -10.44
C20 8KQ F . 6.72 -10.33 -6.10
C21 8KQ F . 10.28 -8.03 -4.60
C22 8KQ F . 11.01 -8.95 -3.62
C02 8KQ F . 10.31 -4.32 -5.13
C03 8KQ F . 9.95 -5.79 -5.31
C04 8KQ F . 9.04 -6.21 -6.25
C05 8KQ F . 8.73 -7.56 -6.38
C06 8KQ F . 9.37 -8.50 -5.54
C08 8KQ F . 8.15 -10.42 -6.68
C09 8KQ F . 8.53 -11.84 -7.07
C11 8KQ F . 7.55 -13.51 -8.96
C12 8KQ F . 8.59 -14.33 -9.44
C14 8KQ F . 7.03 -15.42 -10.94
C16 8KQ F . 6.26 -13.65 -9.46
C18 8KQ F . 6.13 -12.06 -7.96
C19 8KQ F . 5.66 -10.91 -7.01
C25 8KQ F . 10.56 -6.68 -4.47
F01 8KQ F . 11.61 -4.14 -5.54
F26 8KQ F . 10.21 -3.96 -3.84
F27 8KQ F . 9.48 -3.58 -5.93
N07 8KQ F . 9.10 -9.91 -5.67
N17 8KQ F . 5.44 -12.78 -8.84
O23 8KQ F . 11.74 -8.39 -2.76
O24 8KQ F . 10.87 -10.20 -3.67
H131 8KQ F . 9.12 -15.91 -10.81
H151 8KQ F . 4.99 -14.73 -10.83
H201 8KQ F . 6.49 -9.29 -5.92
H202 8KQ F . 6.71 -10.87 -5.16
H041 8KQ F . 8.56 -5.50 -6.91
H051 8KQ F . 8.02 -7.89 -7.11
H081 8KQ F . 8.21 -9.78 -7.55
H091 8KQ F . 9.48 -11.82 -7.59
H092 8KQ F . 8.63 -12.44 -6.18
H121 8KQ F . 9.60 -14.22 -9.06
H141 8KQ F . 6.82 -16.16 -11.70
H192 8KQ F . 4.86 -11.31 -6.39
H191 8KQ F . 5.27 -10.11 -7.62
H251 8KQ F . 11.26 -6.35 -3.71
H071 8KQ F . 9.56 -10.56 -5.07
H171 8KQ F . 4.46 -12.68 -9.02
C10 8KQ G . 11.82 0.66 4.30
C13 8KQ G . 10.57 2.58 7.34
C15 8KQ G . 11.79 0.56 7.87
C20 8KQ G . 12.57 -1.05 2.07
C21 8KQ G . 12.36 1.73 -1.72
C22 8KQ G . 11.51 0.63 -2.35
C02 8KQ G . 14.14 4.89 -2.90
C03 8KQ G . 13.58 3.78 -1.98
C04 8KQ G . 13.86 3.79 -0.63
C05 8KQ G . 13.38 2.78 0.20
C06 8KQ G . 12.61 1.76 -0.36
C08 8KQ G . 12.53 0.44 1.84
C09 8KQ G . 11.56 1.13 2.84
C11 8KQ G . 11.46 1.21 5.57
C12 8KQ G . 10.73 2.35 5.98
C14 8KQ G . 11.08 1.69 8.28
C16 8KQ G . 11.96 0.34 6.51
C18 8KQ G . 12.53 -0.51 4.56
C19 8KQ G . 13.13 -1.40 3.43
C25 8KQ G . 12.83 2.74 -2.54
F01 8KQ G . 13.45 4.97 -4.07
F26 8KQ G . 15.40 4.58 -3.16
F27 8KQ G . 14.18 6.12 -2.31
N07 8KQ G . 12.09 0.68 0.46
N17 8KQ G . 12.62 -0.67 5.87
O23 8KQ G . 10.79 -0.14 -1.64
O24 8KQ G . 11.55 0.49 -3.59
H131 8KQ G . 10.05 3.47 7.65
H151 8KQ G . 12.21 -0.12 8.60
H201 8KQ G . 11.57 -1.46 1.98
H202 8KQ G . 13.20 -1.51 1.31
H041 8KQ G . 14.47 4.58 -0.21
H051 8KQ G . 13.58 2.80 1.26
H081 8KQ G . 13.51 0.88 1.96
H091 8KQ G . 10.55 0.89 2.57
H092 8KQ G . 11.70 2.20 2.78
H121 8KQ G . 10.31 3.04 5.25
H141 8KQ G . 10.92 1.88 9.34
H192 8KQ G . 14.20 -1.27 3.42
H191 8KQ G . 12.90 -2.45 3.65
H251 8KQ G . 12.63 2.72 -3.60
H071 8KQ G . 11.40 0.06 0.07
H171 8KQ G . 13.09 -1.43 6.33
#